data_7QNR
#
_entry.id   7QNR
#
_cell.length_a   60.236
_cell.length_b   66.218
_cell.length_c   105.302
_cell.angle_alpha   90.000
_cell.angle_beta   90.000
_cell.angle_gamma   90.000
#
_symmetry.space_group_name_H-M   'P 21 21 21'
#
loop_
_entity.id
_entity.type
_entity.pdbx_description
1 polymer 'Histone-lysine N-methyltransferase SMYD3'
2 non-polymer S-ADENOSYLMETHIONINE
3 non-polymer 'ZINC ION'
4 non-polymer 3-propan-2-yl-1,2,4-thiadiazol-5-amine
5 water water
#
_entity_poly.entity_id   1
_entity_poly.type   'polypeptide(L)'
_entity_poly.pdbx_seq_one_letter_code
;GSHMEPLKVEKFATANRGNGLRAVTPLRPGELLFRSDPLAYTVCKGSRGVVCDRCLLGKEKLMRCSQCRVAKYCSAKCQK
KAWPDHKRECKCLKSCKPRYPPDSVRLLGRVVFKLMDGAPSESEKLYSFYDLESNINKLTEDRKEGLRQLVMTFQHFMRE
EIQDASQLPPAFDLFEAFAKVICNSFTICNAEMQEVGVGLYPSISLLNHSCDPNCSIVFNGPHLLLRAVRDIEVGEELTI
CYLDMLMTSEERRKQLRDQYCFECDCFRCQTQDKDADMLTGDEQVWKEVQESLKKIEELKAHWKWEQVLAMCQAIISSNS
ERLPDINIYQLKVLDCAMDACINLGLLEEALFYGTRTMEPYRIFFPGSHPVRGVQVMKVGKLQLHQGMFPQAMKNLRLAF
DIMRVTHGREHSLIEDLILLLEECDANIRAS
;
_entity_poly.pdbx_strand_id   A
#
loop_
_chem_comp.id
_chem_comp.type
_chem_comp.name
_chem_comp.formula
E45 non-polymer 3-propan-2-yl-1,2,4-thiadiazol-5-amine 'C5 H9 N3 S'
SAM non-polymer S-ADENOSYLMETHIONINE 'C15 H22 N6 O5 S'
ZN non-polymer 'ZINC ION' 'Zn 2'
#
# COMPACT_ATOMS: atom_id res chain seq x y z
N PRO A 6 4.58 26.66 -6.45
CA PRO A 6 4.91 26.83 -5.02
C PRO A 6 5.04 25.50 -4.28
N LEU A 7 6.24 24.93 -4.26
CA LEU A 7 6.47 23.68 -3.56
C LEU A 7 7.36 23.90 -2.35
N LYS A 8 7.15 23.08 -1.33
CA LYS A 8 7.94 23.11 -0.10
C LYS A 8 9.01 22.04 -0.09
N VAL A 9 9.20 21.34 -1.21
CA VAL A 9 10.16 20.25 -1.33
C VAL A 9 10.91 20.43 -2.64
N GLU A 10 12.12 19.87 -2.69
CA GLU A 10 12.93 19.96 -3.89
C GLU A 10 13.78 18.71 -4.04
N LYS A 11 14.03 18.35 -5.30
CA LYS A 11 14.97 17.29 -5.61
C LYS A 11 16.39 17.73 -5.25
N PHE A 12 17.20 16.79 -4.79
CA PHE A 12 18.61 17.08 -4.53
C PHE A 12 19.39 15.79 -4.61
N ALA A 13 20.69 15.93 -4.84
CA ALA A 13 21.61 14.80 -4.90
C ALA A 13 22.13 14.53 -3.50
N THR A 14 21.77 13.38 -2.94
CA THR A 14 22.21 13.03 -1.61
C THR A 14 23.67 12.57 -1.64
N ALA A 15 24.25 12.41 -0.45
CA ALA A 15 25.66 12.04 -0.36
C ALA A 15 25.89 10.57 -0.71
N ASN A 16 24.99 9.69 -0.29
CA ASN A 16 25.22 8.27 -0.50
C ASN A 16 23.97 7.44 -0.80
N ARG A 17 22.89 8.03 -1.28
CA ARG A 17 21.68 7.28 -1.63
CA ARG A 17 21.68 7.30 -1.62
C ARG A 17 21.01 7.89 -2.84
N GLY A 18 21.80 8.25 -3.85
CA GLY A 18 21.27 8.76 -5.08
C GLY A 18 20.56 10.09 -4.88
N ASN A 19 19.49 10.28 -5.66
CA ASN A 19 18.69 11.48 -5.52
C ASN A 19 17.70 11.32 -4.39
N GLY A 20 17.30 12.44 -3.81
CA GLY A 20 16.32 12.43 -2.74
C GLY A 20 15.44 13.65 -2.80
N LEU A 21 14.57 13.80 -1.81
CA LEU A 21 13.69 14.95 -1.67
C LEU A 21 13.99 15.59 -0.31
N ARG A 22 14.11 16.91 -0.28
CA ARG A 22 14.39 17.61 0.96
C ARG A 22 13.47 18.82 1.11
N ALA A 23 13.29 19.24 2.36
CA ALA A 23 12.44 20.38 2.66
C ALA A 23 13.15 21.67 2.26
N VAL A 24 12.41 22.56 1.58
CA VAL A 24 12.91 23.90 1.28
C VAL A 24 12.59 24.88 2.39
N THR A 25 11.70 24.50 3.31
CA THR A 25 11.24 25.31 4.42
C THR A 25 10.83 24.34 5.52
N PRO A 26 10.76 24.80 6.78
CA PRO A 26 10.34 23.87 7.85
C PRO A 26 8.91 23.40 7.62
N LEU A 27 8.67 22.12 7.95
CA LEU A 27 7.37 21.50 7.78
C LEU A 27 6.84 20.99 9.12
N ARG A 28 5.50 21.07 9.30
CA ARG A 28 4.83 20.62 10.51
C ARG A 28 4.16 19.29 10.26
N PRO A 29 3.91 18.49 11.30
CA PRO A 29 3.12 17.27 11.12
C PRO A 29 1.78 17.60 10.47
N GLY A 30 1.41 16.80 9.46
CA GLY A 30 0.17 16.98 8.75
C GLY A 30 0.25 17.81 7.49
N GLU A 31 1.33 18.57 7.30
CA GLU A 31 1.45 19.43 6.13
C GLU A 31 1.42 18.59 4.86
N LEU A 32 0.56 18.97 3.93
CA LEU A 32 0.58 18.36 2.60
C LEU A 32 1.79 18.84 1.83
N LEU A 33 2.59 17.90 1.34
CA LEU A 33 3.83 18.21 0.64
C LEU A 33 3.74 17.99 -0.87
N PHE A 34 2.85 17.11 -1.31
CA PHE A 34 2.73 16.76 -2.71
C PHE A 34 1.52 15.84 -2.85
N ARG A 35 0.86 15.93 -4.00
CA ARG A 35 -0.23 15.02 -4.33
C ARG A 35 -0.11 14.67 -5.80
N SER A 36 -0.41 13.41 -6.12
CA SER A 36 -0.16 12.94 -7.48
C SER A 36 -1.15 11.84 -7.84
N ASP A 37 -1.61 11.88 -9.07
CA ASP A 37 -2.18 10.71 -9.71
C ASP A 37 -1.03 9.84 -10.20
N PRO A 38 -1.29 8.57 -10.49
CA PRO A 38 -0.20 7.72 -11.01
C PRO A 38 0.17 8.08 -12.43
N LEU A 39 1.44 7.87 -12.76
CA LEU A 39 1.82 7.78 -14.16
C LEU A 39 1.07 6.61 -14.82
N ALA A 40 1.01 5.48 -14.11
CA ALA A 40 0.32 4.28 -14.56
C ALA A 40 0.00 3.48 -13.31
N TYR A 41 -1.11 2.75 -13.35
CA TYR A 41 -1.46 1.88 -12.24
C TYR A 41 -2.36 0.77 -12.75
N THR A 42 -2.46 -0.28 -11.95
CA THR A 42 -3.36 -1.38 -12.27
C THR A 42 -3.81 -2.06 -11.00
N VAL A 43 -4.99 -2.68 -11.07
CA VAL A 43 -5.46 -3.49 -9.96
CA VAL A 43 -5.48 -3.51 -9.97
C VAL A 43 -4.52 -4.69 -9.79
N CYS A 44 -4.35 -5.13 -8.54
CA CYS A 44 -3.53 -6.28 -8.22
CA CYS A 44 -3.50 -6.27 -8.30
C CYS A 44 -4.27 -7.57 -8.55
N LYS A 45 -3.51 -8.66 -8.60
CA LYS A 45 -4.07 -9.94 -9.04
C LYS A 45 -5.28 -10.36 -8.22
N GLY A 46 -5.10 -10.45 -6.90
CA GLY A 46 -6.16 -10.93 -6.04
C GLY A 46 -7.39 -10.06 -6.02
N SER A 47 -7.25 -8.78 -6.35
CA SER A 47 -8.39 -7.87 -6.35
C SER A 47 -9.01 -7.69 -7.73
N ARG A 48 -8.40 -8.24 -8.78
CA ARG A 48 -8.96 -8.14 -10.11
C ARG A 48 -10.32 -8.84 -10.16
N GLY A 49 -11.32 -8.13 -10.68
CA GLY A 49 -12.67 -8.63 -10.66
C GLY A 49 -13.39 -8.45 -9.36
N VAL A 50 -12.71 -7.98 -8.32
CA VAL A 50 -13.33 -7.70 -7.04
C VAL A 50 -13.52 -6.20 -6.83
N VAL A 51 -12.58 -5.39 -7.32
CA VAL A 51 -12.66 -3.94 -7.24
C VAL A 51 -12.70 -3.37 -8.65
N CYS A 52 -13.24 -2.16 -8.74
CA CYS A 52 -13.30 -1.45 -10.02
C CYS A 52 -11.89 -1.13 -10.51
N ASP A 53 -11.64 -1.39 -11.80
CA ASP A 53 -10.31 -1.15 -12.34
C ASP A 53 -9.89 0.30 -12.21
N ARG A 54 -10.85 1.23 -12.21
CA ARG A 54 -10.51 2.66 -12.18
C ARG A 54 -10.40 3.18 -10.75
N CYS A 55 -11.48 3.12 -9.98
CA CYS A 55 -11.50 3.74 -8.65
C CYS A 55 -11.04 2.80 -7.54
N LEU A 56 -10.87 1.51 -7.83
CA LEU A 56 -10.31 0.55 -6.87
C LEU A 56 -11.20 0.38 -5.65
N LEU A 57 -12.51 0.55 -5.82
CA LEU A 57 -13.48 0.26 -4.77
C LEU A 57 -14.12 -1.10 -5.01
N GLY A 58 -14.41 -1.81 -3.92
CA GLY A 58 -15.02 -3.12 -4.02
C GLY A 58 -16.54 -3.07 -4.01
N LYS A 59 -17.13 -2.77 -5.17
CA LYS A 59 -18.58 -2.78 -5.29
C LYS A 59 -19.10 -4.22 -5.29
N GLU A 60 -20.40 -4.36 -4.99
CA GLU A 60 -21.03 -5.67 -5.09
C GLU A 60 -21.28 -6.06 -6.55
N LYS A 61 -21.58 -5.08 -7.41
CA LYS A 61 -21.82 -5.32 -8.83
C LYS A 61 -20.74 -4.62 -9.64
N LEU A 62 -20.05 -5.39 -10.48
CA LEU A 62 -19.05 -4.87 -11.39
C LEU A 62 -19.35 -5.39 -12.79
N MET A 63 -19.23 -4.52 -13.79
CA MET A 63 -19.41 -4.90 -15.18
C MET A 63 -18.04 -5.05 -15.84
N ARG A 64 -17.85 -6.15 -16.55
CA ARG A 64 -16.58 -6.38 -17.22
C ARG A 64 -16.60 -5.73 -18.60
N CYS A 65 -15.44 -5.27 -19.03
CA CYS A 65 -15.29 -4.68 -20.35
C CYS A 65 -15.71 -5.68 -21.42
N SER A 66 -16.49 -5.20 -22.40
CA SER A 66 -17.11 -6.12 -23.35
C SER A 66 -16.08 -6.76 -24.28
N GLN A 67 -14.96 -6.10 -24.55
CA GLN A 67 -14.00 -6.65 -25.50
C GLN A 67 -13.09 -7.67 -24.85
N CYS A 68 -12.34 -7.25 -23.82
CA CYS A 68 -11.41 -8.17 -23.16
C CYS A 68 -12.06 -8.98 -22.04
N ARG A 69 -13.03 -8.41 -21.34
CA ARG A 69 -13.61 -9.01 -20.15
C ARG A 69 -12.56 -9.32 -19.07
N VAL A 70 -11.47 -8.57 -19.04
CA VAL A 70 -10.54 -8.66 -17.93
C VAL A 70 -10.71 -7.49 -16.99
N ALA A 71 -10.86 -6.28 -17.53
CA ALA A 71 -11.14 -5.10 -16.73
C ALA A 71 -12.60 -5.12 -16.30
N LYS A 72 -12.85 -4.75 -15.04
CA LYS A 72 -14.19 -4.63 -14.50
C LYS A 72 -14.37 -3.24 -13.91
N TYR A 73 -15.58 -2.71 -14.02
CA TYR A 73 -15.86 -1.33 -13.65
C TYR A 73 -17.13 -1.26 -12.82
N CYS A 74 -17.16 -0.29 -11.90
CA CYS A 74 -18.33 -0.07 -11.08
C CYS A 74 -19.41 0.74 -11.77
N SER A 75 -19.10 1.41 -12.87
CA SER A 75 -20.04 2.35 -13.45
C SER A 75 -19.58 2.72 -14.86
N ALA A 76 -20.51 3.29 -15.63
CA ALA A 76 -20.14 3.88 -16.91
C ALA A 76 -19.13 5.01 -16.73
N LYS A 77 -19.27 5.78 -15.65
CA LYS A 77 -18.32 6.85 -15.39
C LYS A 77 -16.90 6.32 -15.29
N CYS A 78 -16.70 5.24 -14.50
CA CYS A 78 -15.36 4.70 -14.33
C CYS A 78 -14.85 4.06 -15.62
N GLN A 79 -15.73 3.42 -16.38
CA GLN A 79 -15.29 2.83 -17.65
C GLN A 79 -14.78 3.91 -18.60
N LYS A 80 -15.40 5.10 -18.57
CA LYS A 80 -14.99 6.15 -19.49
C LYS A 80 -13.71 6.84 -19.05
N LYS A 81 -13.59 7.16 -17.76
CA LYS A 81 -12.36 7.74 -17.26
C LYS A 81 -11.18 6.79 -17.41
N ALA A 82 -11.43 5.49 -17.49
CA ALA A 82 -10.37 4.51 -17.64
C ALA A 82 -10.07 4.14 -19.09
N TRP A 83 -10.96 4.48 -20.02
CA TRP A 83 -10.77 4.01 -21.39
C TRP A 83 -9.46 4.47 -22.01
N PRO A 84 -9.02 5.72 -21.86
CA PRO A 84 -7.70 6.09 -22.41
C PRO A 84 -6.60 5.21 -21.88
N ASP A 85 -6.58 4.92 -20.57
CA ASP A 85 -5.56 4.08 -19.99
C ASP A 85 -5.72 2.62 -20.41
N HIS A 86 -6.94 2.20 -20.75
CA HIS A 86 -7.22 0.79 -20.98
C HIS A 86 -7.29 0.42 -22.45
N LYS A 87 -7.46 1.40 -23.34
CA LYS A 87 -7.91 1.10 -24.70
C LYS A 87 -6.91 0.25 -25.46
N ARG A 88 -5.60 0.44 -25.26
CA ARG A 88 -4.66 -0.41 -26.00
C ARG A 88 -4.34 -1.72 -25.28
N GLU A 89 -4.27 -1.73 -23.94
CA GLU A 89 -4.04 -2.99 -23.25
C GLU A 89 -5.21 -3.94 -23.46
N CYS A 90 -6.40 -3.41 -23.66
CA CYS A 90 -7.59 -4.25 -23.86
C CYS A 90 -7.35 -5.27 -24.97
N LYS A 91 -6.81 -4.83 -26.09
CA LYS A 91 -6.56 -5.74 -27.20
C LYS A 91 -5.49 -6.77 -26.86
N CYS A 92 -4.56 -6.40 -25.96
CA CYS A 92 -3.52 -7.35 -25.55
C CYS A 92 -4.09 -8.39 -24.60
N LEU A 93 -4.81 -7.95 -23.55
CA LEU A 93 -5.45 -8.89 -22.64
C LEU A 93 -6.35 -9.85 -23.41
N LYS A 94 -7.02 -9.36 -24.45
CA LYS A 94 -7.88 -10.23 -25.24
C LYS A 94 -7.08 -11.25 -26.04
N SER A 95 -6.00 -10.81 -26.68
CA SER A 95 -5.21 -11.73 -27.51
C SER A 95 -4.66 -12.89 -26.70
N CYS A 96 -4.38 -12.66 -25.42
CA CYS A 96 -3.90 -13.71 -24.51
C CYS A 96 -5.05 -14.21 -23.64
N LYS A 97 -6.20 -14.46 -24.28
CA LYS A 97 -7.46 -14.67 -23.57
C LYS A 97 -7.35 -15.55 -22.33
N PRO A 98 -6.76 -16.75 -22.37
CA PRO A 98 -6.73 -17.58 -21.15
C PRO A 98 -5.67 -17.13 -20.16
N ARG A 99 -4.52 -16.67 -20.66
CA ARG A 99 -3.46 -16.23 -19.79
C ARG A 99 -3.70 -14.80 -19.32
N TYR A 100 -3.21 -14.49 -18.11
CA TYR A 100 -3.25 -13.13 -17.57
C TYR A 100 -1.82 -12.78 -17.16
N PRO A 101 -1.33 -11.60 -17.51
CA PRO A 101 0.10 -11.28 -17.27
C PRO A 101 0.35 -10.95 -15.81
N PRO A 102 1.61 -11.00 -15.37
CA PRO A 102 1.93 -10.53 -14.02
C PRO A 102 1.62 -9.05 -13.87
N ASP A 103 1.32 -8.64 -12.63
CA ASP A 103 1.02 -7.24 -12.35
C ASP A 103 2.07 -6.32 -12.96
N SER A 104 3.35 -6.67 -12.80
CA SER A 104 4.40 -5.80 -13.29
C SER A 104 4.31 -5.64 -14.80
N VAL A 105 3.95 -6.70 -15.51
CA VAL A 105 3.85 -6.63 -16.97
C VAL A 105 2.68 -5.76 -17.37
N ARG A 106 1.51 -5.97 -16.75
CA ARG A 106 0.37 -5.10 -17.05
C ARG A 106 0.68 -3.65 -16.71
N LEU A 107 1.37 -3.42 -15.58
CA LEU A 107 1.76 -2.07 -15.20
C LEU A 107 2.65 -1.43 -16.26
N LEU A 108 3.71 -2.13 -16.67
CA LEU A 108 4.64 -1.53 -17.63
C LEU A 108 3.98 -1.29 -18.98
N GLY A 109 3.02 -2.14 -19.36
CA GLY A 109 2.27 -1.87 -20.57
C GLY A 109 1.55 -0.54 -20.50
N ARG A 110 0.90 -0.26 -19.35
CA ARG A 110 0.27 1.04 -19.16
C ARG A 110 1.27 2.17 -19.15
N VAL A 111 2.47 1.94 -18.62
CA VAL A 111 3.52 2.96 -18.69
C VAL A 111 3.84 3.28 -20.14
N VAL A 112 4.05 2.23 -20.93
CA VAL A 112 4.47 2.42 -22.32
C VAL A 112 3.39 3.17 -23.09
N PHE A 113 2.13 2.75 -22.95
CA PHE A 113 1.06 3.44 -23.65
C PHE A 113 0.91 4.88 -23.18
N LYS A 114 1.10 5.12 -21.88
CA LYS A 114 1.05 6.48 -21.36
C LYS A 114 2.13 7.34 -21.97
N LEU A 115 3.35 6.84 -22.03
CA LEU A 115 4.46 7.63 -22.55
C LEU A 115 4.37 7.78 -24.07
N MET A 116 3.83 6.78 -24.76
CA MET A 116 3.76 6.86 -26.22
C MET A 116 2.59 7.72 -26.67
N ASP A 117 1.43 7.60 -26.00
CA ASP A 117 0.19 8.18 -26.49
C ASP A 117 -0.35 9.32 -25.63
N GLY A 118 0.15 9.48 -24.41
CA GLY A 118 -0.41 10.46 -23.49
C GLY A 118 0.38 11.75 -23.43
N ALA A 119 -0.30 12.83 -23.07
CA ALA A 119 0.37 14.08 -22.81
C ALA A 119 1.32 13.93 -21.63
N PRO A 120 2.32 14.81 -21.52
CA PRO A 120 3.22 14.75 -20.36
C PRO A 120 2.45 14.72 -19.05
N SER A 121 2.78 13.74 -18.21
CA SER A 121 2.03 13.48 -16.98
C SER A 121 2.54 14.36 -15.85
N GLU A 122 1.60 14.98 -15.12
CA GLU A 122 1.98 15.77 -13.96
C GLU A 122 2.66 14.93 -12.89
N SER A 123 2.42 13.62 -12.90
CA SER A 123 3.10 12.74 -11.96
C SER A 123 4.61 12.79 -12.12
N GLU A 124 5.11 13.26 -13.27
CA GLU A 124 6.54 13.34 -13.54
C GLU A 124 7.11 14.74 -13.36
N LYS A 125 6.43 15.60 -12.60
CA LYS A 125 6.86 16.99 -12.51
C LYS A 125 8.27 17.10 -11.94
N LEU A 126 8.56 16.36 -10.86
CA LEU A 126 9.84 16.44 -10.20
C LEU A 126 10.86 15.44 -10.71
N TYR A 127 10.41 14.38 -11.37
CA TYR A 127 11.24 13.19 -11.60
C TYR A 127 10.43 12.30 -12.54
N SER A 128 11.04 11.78 -13.60
CA SER A 128 10.30 11.04 -14.62
C SER A 128 10.63 9.56 -14.56
N PHE A 129 9.84 8.77 -15.29
CA PHE A 129 10.14 7.35 -15.41
C PHE A 129 11.55 7.15 -15.96
N TYR A 130 11.92 7.92 -16.98
CA TYR A 130 13.29 7.99 -17.46
C TYR A 130 14.29 8.06 -16.32
N ASP A 131 14.02 8.91 -15.33
CA ASP A 131 15.00 9.22 -14.29
C ASP A 131 15.11 8.15 -13.23
N LEU A 132 14.17 7.21 -13.15
CA LEU A 132 14.06 6.34 -12.00
C LEU A 132 15.29 5.45 -11.86
N GLU A 133 15.67 5.20 -10.60
CA GLU A 133 16.73 4.26 -10.27
C GLU A 133 16.39 2.85 -10.72
N SER A 134 17.37 2.19 -11.33
CA SER A 134 17.22 0.79 -11.72
C SER A 134 18.11 -0.16 -10.93
N ASN A 135 19.18 0.33 -10.31
CA ASN A 135 20.07 -0.48 -9.47
C ASN A 135 20.64 -1.67 -10.25
N ILE A 136 20.77 -1.56 -11.57
CA ILE A 136 21.15 -2.74 -12.36
C ILE A 136 22.54 -3.23 -11.97
N ASN A 137 23.46 -2.32 -11.64
CA ASN A 137 24.79 -2.81 -11.27
C ASN A 137 24.81 -3.49 -9.91
N LYS A 138 23.70 -3.51 -9.18
CA LYS A 138 23.62 -4.23 -7.91
C LYS A 138 22.76 -5.48 -7.99
N LEU A 139 22.05 -5.71 -9.10
CA LEU A 139 21.19 -6.87 -9.19
C LEU A 139 22.00 -8.16 -9.21
N THR A 140 21.53 -9.14 -8.46
CA THR A 140 22.08 -10.48 -8.56
C THR A 140 21.73 -11.09 -9.91
N GLU A 141 22.54 -12.05 -10.36
CA GLU A 141 22.21 -12.70 -11.62
C GLU A 141 20.90 -13.48 -11.52
N ASP A 142 20.53 -13.91 -10.33
CA ASP A 142 19.19 -14.47 -10.11
C ASP A 142 18.12 -13.45 -10.48
N ARG A 143 18.25 -12.22 -9.95
CA ARG A 143 17.28 -11.18 -10.27
C ARG A 143 17.31 -10.84 -11.75
N LYS A 144 18.49 -10.69 -12.32
CA LYS A 144 18.59 -10.35 -13.74
C LYS A 144 17.88 -11.39 -14.59
N GLU A 145 17.98 -12.65 -14.21
CA GLU A 145 17.30 -13.71 -14.95
C GLU A 145 15.79 -13.54 -14.87
N GLY A 146 15.27 -13.18 -13.70
CA GLY A 146 13.85 -12.93 -13.58
C GLY A 146 13.41 -11.75 -14.43
N LEU A 147 14.22 -10.69 -14.47
CA LEU A 147 13.90 -9.56 -15.32
C LEU A 147 13.87 -9.97 -16.80
N ARG A 148 14.82 -10.80 -17.22
CA ARG A 148 14.82 -11.27 -18.59
C ARG A 148 13.53 -11.99 -18.93
N GLN A 149 13.04 -12.83 -18.01
CA GLN A 149 11.77 -13.51 -18.23
C GLN A 149 10.62 -12.50 -18.34
N LEU A 150 10.64 -11.47 -17.50
CA LEU A 150 9.59 -10.46 -17.58
C LEU A 150 9.61 -9.75 -18.92
N VAL A 151 10.81 -9.47 -19.44
CA VAL A 151 10.91 -8.83 -20.74
C VAL A 151 10.22 -9.67 -21.81
N MET A 152 10.51 -10.98 -21.82
CA MET A 152 9.89 -11.86 -22.81
C MET A 152 8.39 -11.98 -22.58
N THR A 153 7.96 -11.98 -21.31
CA THR A 153 6.53 -11.97 -21.03
C THR A 153 5.88 -10.70 -21.56
N PHE A 154 6.51 -9.55 -21.36
CA PHE A 154 5.99 -8.31 -21.92
C PHE A 154 5.91 -8.40 -23.43
N GLN A 155 6.97 -8.89 -24.07
CA GLN A 155 6.98 -8.99 -25.53
C GLN A 155 5.84 -9.88 -26.02
N HIS A 156 5.53 -10.95 -25.28
CA HIS A 156 4.43 -11.82 -25.67
C HIS A 156 3.09 -11.13 -25.44
N PHE A 157 2.90 -10.57 -24.25
CA PHE A 157 1.61 -9.98 -23.91
C PHE A 157 1.27 -8.81 -24.82
N MET A 158 2.27 -8.03 -25.22
CA MET A 158 2.06 -6.80 -25.96
C MET A 158 2.18 -6.96 -27.46
N ARG A 159 2.37 -8.18 -27.97
CA ARG A 159 2.66 -8.36 -29.38
C ARG A 159 1.55 -7.81 -30.29
N GLU A 160 0.32 -7.76 -29.79
CA GLU A 160 -0.78 -7.26 -30.64
C GLU A 160 -0.66 -5.76 -30.88
N GLU A 161 -0.12 -5.02 -29.91
CA GLU A 161 -0.04 -3.57 -29.99
C GLU A 161 1.37 -3.05 -30.23
N ILE A 162 2.39 -3.79 -29.80
CA ILE A 162 3.79 -3.36 -29.89
C ILE A 162 4.58 -4.51 -30.48
N GLN A 163 5.08 -4.32 -31.70
CA GLN A 163 5.89 -5.35 -32.36
C GLN A 163 7.37 -4.99 -32.46
N ASP A 164 7.74 -3.73 -32.32
CA ASP A 164 9.14 -3.33 -32.48
C ASP A 164 9.38 -2.00 -31.78
N ALA A 165 10.65 -1.58 -31.82
CA ALA A 165 11.09 -0.45 -30.99
C ALA A 165 10.42 0.86 -31.39
N SER A 166 10.03 1.00 -32.66
CA SER A 166 9.41 2.26 -33.08
C SER A 166 8.13 2.54 -32.32
N GLN A 167 7.53 1.51 -31.70
CA GLN A 167 6.32 1.66 -30.91
C GLN A 167 6.62 1.77 -29.42
N LEU A 168 7.90 1.93 -29.05
CA LEU A 168 8.35 2.19 -27.70
C LEU A 168 8.99 3.57 -27.64
N PRO A 169 9.00 4.22 -26.48
CA PRO A 169 9.65 5.53 -26.36
C PRO A 169 11.09 5.47 -26.85
N PRO A 170 11.67 6.61 -27.21
CA PRO A 170 13.04 6.61 -27.72
C PRO A 170 14.01 5.87 -26.80
N ALA A 171 14.73 4.91 -27.38
CA ALA A 171 15.73 4.14 -26.65
C ALA A 171 15.18 3.55 -25.36
N PHE A 172 13.89 3.25 -25.36
CA PHE A 172 13.25 2.61 -24.22
C PHE A 172 13.74 1.17 -24.11
N ASP A 173 14.32 0.82 -22.96
CA ASP A 173 14.86 -0.52 -22.74
C ASP A 173 13.98 -1.26 -21.75
N LEU A 174 13.42 -2.39 -22.19
CA LEU A 174 12.47 -3.12 -21.36
C LEU A 174 13.13 -3.70 -20.12
N PHE A 175 14.35 -4.23 -20.26
CA PHE A 175 15.06 -4.74 -19.10
C PHE A 175 15.21 -3.67 -18.03
N GLU A 176 15.74 -2.51 -18.42
CA GLU A 176 15.90 -1.41 -17.46
C GLU A 176 14.54 -0.94 -16.95
N ALA A 177 13.52 -0.94 -17.80
CA ALA A 177 12.19 -0.52 -17.36
C ALA A 177 11.68 -1.43 -16.24
N PHE A 178 11.79 -2.75 -16.44
CA PHE A 178 11.36 -3.65 -15.38
C PHE A 178 12.22 -3.51 -14.13
N ALA A 179 13.53 -3.27 -14.27
CA ALA A 179 14.35 -3.04 -13.09
C ALA A 179 13.85 -1.81 -12.33
N LYS A 180 13.40 -0.78 -13.06
CA LYS A 180 12.84 0.39 -12.41
C LYS A 180 11.56 0.05 -11.67
N VAL A 181 10.73 -0.80 -12.27
CA VAL A 181 9.45 -1.17 -11.64
C VAL A 181 9.69 -1.88 -10.32
N ILE A 182 10.74 -2.70 -10.25
CA ILE A 182 11.00 -3.47 -9.03
C ILE A 182 11.16 -2.55 -7.83
N CYS A 183 11.94 -1.48 -7.98
CA CYS A 183 12.29 -0.64 -6.83
C CYS A 183 11.59 0.71 -6.82
N ASN A 184 10.57 0.90 -7.68
CA ASN A 184 9.81 2.15 -7.68
C ASN A 184 8.31 1.92 -7.75
N SER A 185 7.85 0.71 -7.48
CA SER A 185 6.41 0.42 -7.46
C SER A 185 5.83 0.81 -6.11
N PHE A 186 4.65 1.43 -6.14
CA PHE A 186 3.89 1.78 -4.94
C PHE A 186 2.71 0.83 -4.83
N THR A 187 2.49 0.30 -3.62
CA THR A 187 1.34 -0.54 -3.34
C THR A 187 0.17 0.36 -2.96
N ILE A 188 -0.84 0.40 -3.82
CA ILE A 188 -2.00 1.25 -3.58
C ILE A 188 -2.96 0.54 -2.63
N CYS A 189 -3.38 1.26 -1.59
CA CYS A 189 -4.27 0.72 -0.58
C CYS A 189 -5.60 1.45 -0.62
N ASN A 190 -6.68 0.71 -0.34
CA ASN A 190 -7.99 1.34 -0.26
C ASN A 190 -8.16 2.02 1.09
N ALA A 191 -9.35 2.59 1.33
CA ALA A 191 -9.58 3.34 2.57
C ALA A 191 -9.37 2.47 3.80
N GLU A 192 -9.60 1.16 3.68
CA GLU A 192 -9.41 0.23 4.77
C GLU A 192 -7.98 -0.31 4.84
N MET A 193 -7.06 0.26 4.05
CA MET A 193 -5.64 -0.08 4.07
C MET A 193 -5.38 -1.51 3.58
N GLN A 194 -6.28 -2.00 2.74
CA GLN A 194 -6.11 -3.26 2.01
C GLN A 194 -5.38 -2.96 0.70
N GLU A 195 -4.39 -3.78 0.39
CA GLU A 195 -3.64 -3.63 -0.85
C GLU A 195 -4.53 -4.02 -2.03
N VAL A 196 -4.75 -3.07 -2.95
CA VAL A 196 -5.67 -3.34 -4.06
C VAL A 196 -5.06 -3.06 -5.42
N GLY A 197 -3.93 -2.37 -5.46
CA GLY A 197 -3.34 -2.04 -6.73
C GLY A 197 -1.88 -1.70 -6.61
N VAL A 198 -1.27 -1.47 -7.77
CA VAL A 198 0.14 -1.10 -7.85
C VAL A 198 0.28 0.02 -8.87
N GLY A 199 1.12 1.00 -8.57
CA GLY A 199 1.23 2.15 -9.45
C GLY A 199 2.62 2.75 -9.39
N LEU A 200 2.91 3.58 -10.37
CA LEU A 200 4.15 4.34 -10.44
C LEU A 200 3.83 5.82 -10.27
N TYR A 201 4.58 6.46 -9.39
CA TYR A 201 4.42 7.88 -9.06
C TYR A 201 5.83 8.45 -9.09
N PRO A 202 6.36 8.75 -10.28
CA PRO A 202 7.80 9.01 -10.37
C PRO A 202 8.29 10.15 -9.49
N SER A 203 7.52 11.23 -9.36
CA SER A 203 7.94 12.31 -8.48
C SER A 203 8.07 11.83 -7.05
N ILE A 204 7.11 11.01 -6.59
CA ILE A 204 7.15 10.47 -5.24
C ILE A 204 8.29 9.49 -5.07
N SER A 205 8.76 8.87 -6.15
CA SER A 205 9.88 7.95 -6.08
C SER A 205 11.18 8.63 -5.71
N LEU A 206 11.21 9.95 -5.62
CA LEU A 206 12.40 10.62 -5.09
C LEU A 206 12.60 10.35 -3.61
N LEU A 207 11.56 9.93 -2.89
CA LEU A 207 11.67 9.73 -1.45
C LEU A 207 12.48 8.49 -1.14
N ASN A 208 13.56 8.67 -0.38
CA ASN A 208 14.32 7.54 0.11
C ASN A 208 13.62 6.94 1.33
N HIS A 209 14.13 5.79 1.76
CA HIS A 209 13.52 4.98 2.80
C HIS A 209 14.14 5.28 4.16
N SER A 210 13.29 5.20 5.19
CA SER A 210 13.73 5.12 6.57
C SER A 210 12.77 4.23 7.31
N CYS A 211 13.30 3.42 8.22
CA CYS A 211 12.43 2.67 9.14
C CYS A 211 11.86 3.57 10.24
N ASP A 212 12.26 4.83 10.27
CA ASP A 212 11.72 5.84 11.19
C ASP A 212 11.49 7.11 10.38
N PRO A 213 10.54 7.09 9.45
CA PRO A 213 10.42 8.18 8.48
C PRO A 213 9.79 9.43 9.05
N ASN A 214 10.02 10.55 8.36
CA ASN A 214 9.40 11.82 8.72
C ASN A 214 8.21 12.17 7.83
N CYS A 215 7.93 11.38 6.80
CA CYS A 215 6.79 11.60 5.92
C CYS A 215 6.02 10.30 5.76
N SER A 216 4.79 10.44 5.28
CA SER A 216 3.92 9.28 5.06
C SER A 216 3.08 9.54 3.82
N ILE A 217 2.82 8.49 3.06
CA ILE A 217 1.92 8.56 1.94
C ILE A 217 0.62 7.85 2.29
N VAL A 218 -0.48 8.36 1.73
CA VAL A 218 -1.78 7.72 1.87
C VAL A 218 -2.46 7.81 0.51
N PHE A 219 -3.29 6.82 0.21
CA PHE A 219 -3.99 6.75 -1.05
C PHE A 219 -5.47 7.02 -0.84
N ASN A 220 -6.04 7.79 -1.76
CA ASN A 220 -7.49 8.08 -1.85
C ASN A 220 -7.86 7.61 -3.26
N GLY A 221 -8.25 6.33 -3.38
CA GLY A 221 -8.27 5.71 -4.68
C GLY A 221 -6.85 5.67 -5.22
N PRO A 222 -6.68 5.84 -6.53
CA PRO A 222 -5.32 5.91 -7.09
C PRO A 222 -4.55 7.17 -6.71
N HIS A 223 -5.21 8.14 -6.12
CA HIS A 223 -4.59 9.42 -5.81
C HIS A 223 -3.74 9.32 -4.56
N LEU A 224 -2.52 9.84 -4.63
CA LEU A 224 -1.54 9.73 -3.56
C LEU A 224 -1.32 11.08 -2.91
N LEU A 225 -1.36 11.11 -1.58
CA LEU A 225 -1.06 12.29 -0.79
C LEU A 225 0.22 12.06 0.01
N LEU A 226 1.18 12.96 -0.13
CA LEU A 226 2.41 12.91 0.64
C LEU A 226 2.36 13.95 1.75
N ARG A 227 2.43 13.51 3.00
CA ARG A 227 2.30 14.39 4.14
C ARG A 227 3.47 14.25 5.10
N ALA A 228 3.86 15.36 5.72
CA ALA A 228 4.79 15.30 6.83
C ALA A 228 4.08 14.73 8.05
N VAL A 229 4.76 13.81 8.75
CA VAL A 229 4.22 13.24 9.98
C VAL A 229 5.05 13.61 11.21
N ARG A 230 6.06 14.44 11.02
CA ARG A 230 6.92 14.92 12.10
C ARG A 230 7.40 16.31 11.71
N ASP A 231 7.93 17.05 12.67
CA ASP A 231 8.59 18.30 12.35
C ASP A 231 9.82 18.04 11.51
N ILE A 232 10.03 18.86 10.48
CA ILE A 232 11.12 18.70 9.54
C ILE A 232 11.78 20.07 9.35
N GLU A 233 13.10 20.10 9.46
CA GLU A 233 13.88 21.33 9.38
C GLU A 233 14.25 21.64 7.93
N VAL A 234 14.66 22.90 7.70
CA VAL A 234 15.10 23.28 6.37
CA VAL A 234 15.10 23.28 6.37
C VAL A 234 16.28 22.41 5.96
N GLY A 235 16.26 21.95 4.71
CA GLY A 235 17.33 21.13 4.19
C GLY A 235 17.28 19.68 4.61
N GLU A 236 16.36 19.29 5.47
CA GLU A 236 16.27 17.93 5.95
C GLU A 236 15.69 17.02 4.87
N GLU A 237 16.29 15.85 4.69
CA GLU A 237 15.81 14.92 3.68
C GLU A 237 14.47 14.33 4.11
N LEU A 238 13.56 14.23 3.15
CA LEU A 238 12.25 13.63 3.37
C LEU A 238 12.32 12.14 3.12
N THR A 239 11.74 11.36 4.04
CA THR A 239 11.79 9.91 3.94
C THR A 239 10.40 9.34 4.20
N ILE A 240 10.16 8.16 3.63
CA ILE A 240 9.00 7.34 3.92
C ILE A 240 9.51 5.95 4.23
N CYS A 241 8.65 5.14 4.83
CA CYS A 241 8.99 3.75 5.09
C CYS A 241 8.41 2.89 3.97
N TYR A 242 9.30 2.23 3.21
CA TYR A 242 8.86 1.39 2.10
C TYR A 242 8.13 0.14 2.58
N LEU A 243 8.22 -0.18 3.86
CA LEU A 243 7.87 -1.51 4.35
C LEU A 243 6.78 -1.47 5.40
N ASP A 244 6.12 -2.62 5.53
CA ASP A 244 5.21 -2.89 6.64
C ASP A 244 5.94 -2.71 7.97
N MET A 245 5.27 -2.07 8.93
CA MET A 245 5.91 -1.82 10.22
C MET A 245 6.09 -3.09 11.03
N LEU A 246 5.23 -4.09 10.84
CA LEU A 246 5.29 -5.33 11.61
C LEU A 246 6.31 -6.26 10.97
N MET A 247 7.59 -5.87 11.13
CA MET A 247 8.72 -6.58 10.56
C MET A 247 9.91 -6.38 11.50
N THR A 248 10.65 -7.47 11.72
CA THR A 248 11.88 -7.37 12.49
C THR A 248 12.97 -6.74 11.63
N SER A 249 14.05 -6.32 12.29
CA SER A 249 15.17 -5.72 11.55
C SER A 249 15.74 -6.70 10.55
N GLU A 250 15.73 -7.99 10.87
CA GLU A 250 16.25 -8.98 9.94
C GLU A 250 15.37 -9.11 8.71
N GLU A 251 14.05 -9.11 8.90
CA GLU A 251 13.14 -9.20 7.75
C GLU A 251 13.23 -7.94 6.90
N ARG A 252 13.35 -6.77 7.53
CA ARG A 252 13.54 -5.54 6.78
C ARG A 252 14.84 -5.57 5.99
N ARG A 253 15.91 -6.10 6.60
CA ARG A 253 17.18 -6.25 5.89
C ARG A 253 16.99 -7.05 4.61
N LYS A 254 16.33 -8.20 4.71
CA LYS A 254 16.17 -9.08 3.55
C LYS A 254 15.38 -8.39 2.44
N GLN A 255 14.29 -7.71 2.79
CA GLN A 255 13.50 -7.05 1.75
C GLN A 255 14.25 -5.86 1.14
N LEU A 256 14.88 -5.03 1.96
CA LEU A 256 15.59 -3.87 1.42
C LEU A 256 16.76 -4.31 0.56
N ARG A 257 17.34 -5.48 0.85
CA ARG A 257 18.36 -6.02 -0.03
C ARG A 257 17.75 -6.60 -1.31
N ASP A 258 16.77 -7.48 -1.15
CA ASP A 258 16.25 -8.22 -2.29
C ASP A 258 15.55 -7.30 -3.29
N GLN A 259 14.79 -6.33 -2.79
CA GLN A 259 13.97 -5.50 -3.68
C GLN A 259 14.60 -4.15 -3.99
N TYR A 260 15.31 -3.55 -3.04
CA TYR A 260 15.78 -2.17 -3.19
C TYR A 260 17.29 -2.06 -3.23
N CYS A 261 18.01 -3.16 -3.05
CA CYS A 261 19.46 -3.18 -3.23
C CYS A 261 20.18 -2.15 -2.35
N PHE A 262 19.80 -2.09 -1.07
CA PHE A 262 20.60 -1.28 -0.16
C PHE A 262 20.56 -1.87 1.24
N GLU A 263 21.58 -1.50 2.01
CA GLU A 263 21.78 -1.95 3.37
C GLU A 263 21.33 -0.81 4.26
N CYS A 264 20.27 -1.02 5.03
CA CYS A 264 19.72 0.07 5.83
C CYS A 264 20.59 0.32 7.05
N ASP A 265 21.01 1.58 7.22
CA ASP A 265 21.88 2.01 8.30
C ASP A 265 21.14 2.83 9.35
N CYS A 266 19.80 2.87 9.31
CA CYS A 266 19.09 3.75 10.20
C CYS A 266 19.27 3.31 11.65
N PHE A 267 18.94 4.21 12.57
CA PHE A 267 19.18 3.98 13.98
C PHE A 267 18.38 2.78 14.48
N ARG A 268 17.19 2.55 13.92
CA ARG A 268 16.37 1.43 14.33
C ARG A 268 17.01 0.09 13.95
N CYS A 269 17.59 0.01 12.75
CA CYS A 269 18.23 -1.25 12.35
C CYS A 269 19.51 -1.49 13.12
N GLN A 270 20.23 -0.44 13.49
CA GLN A 270 21.45 -0.61 14.27
C GLN A 270 21.14 -1.09 15.68
N THR A 271 20.04 -0.64 16.27
CA THR A 271 19.67 -1.01 17.63
C THR A 271 18.73 -2.21 17.68
N GLN A 272 18.36 -2.78 16.53
CA GLN A 272 17.36 -3.84 16.47
C GLN A 272 16.11 -3.43 17.24
N ASP A 273 15.74 -2.17 17.11
CA ASP A 273 14.64 -1.58 17.84
C ASP A 273 13.35 -2.37 17.67
N LYS A 274 12.82 -2.82 18.80
CA LYS A 274 11.55 -3.52 18.96
C LYS A 274 11.61 -5.00 18.56
N ASP A 275 12.73 -5.48 18.02
CA ASP A 275 12.81 -6.87 17.58
C ASP A 275 12.40 -7.82 18.70
N ALA A 276 12.96 -7.61 19.90
CA ALA A 276 12.74 -8.56 20.99
C ALA A 276 11.26 -8.69 21.33
N ASP A 277 10.57 -7.55 21.45
CA ASP A 277 9.15 -7.58 21.78
C ASP A 277 8.32 -8.17 20.64
N MET A 278 8.72 -7.94 19.40
CA MET A 278 7.97 -8.48 18.27
C MET A 278 7.96 -10.00 18.26
N LEU A 279 8.98 -10.64 18.85
CA LEU A 279 9.13 -12.09 18.74
C LEU A 279 8.93 -12.78 20.08
N THR A 280 8.14 -12.18 20.96
CA THR A 280 7.86 -12.83 22.24
C THR A 280 6.94 -14.03 22.05
N GLY A 281 7.00 -14.95 23.00
CA GLY A 281 6.35 -16.24 22.89
C GLY A 281 7.31 -17.31 22.44
N ASP A 282 6.83 -18.55 22.46
CA ASP A 282 7.69 -19.67 22.10
C ASP A 282 7.92 -19.70 20.59
N GLU A 283 9.20 -19.85 20.22
CA GLU A 283 9.62 -19.68 18.84
C GLU A 283 8.97 -20.69 17.93
N GLN A 284 8.87 -21.95 18.36
CA GLN A 284 8.31 -22.94 17.46
C GLN A 284 6.83 -22.65 17.21
N VAL A 285 6.15 -21.98 18.14
CA VAL A 285 4.76 -21.61 17.89
C VAL A 285 4.68 -20.51 16.84
N TRP A 286 5.44 -19.43 17.00
CA TRP A 286 5.29 -18.34 16.04
C TRP A 286 5.96 -18.64 14.71
N LYS A 287 6.87 -19.62 14.66
CA LYS A 287 7.33 -20.13 13.37
C LYS A 287 6.18 -20.75 12.59
N GLU A 288 5.34 -21.56 13.26
CA GLU A 288 4.18 -22.14 12.60
C GLU A 288 3.19 -21.08 12.17
N VAL A 289 2.94 -20.10 13.03
CA VAL A 289 2.01 -19.03 12.67
C VAL A 289 2.54 -18.23 11.48
N GLN A 290 3.85 -17.92 11.49
CA GLN A 290 4.44 -17.22 10.37
C GLN A 290 4.29 -18.01 9.08
N GLU A 291 4.38 -19.33 9.16
CA GLU A 291 4.16 -20.16 7.98
C GLU A 291 2.70 -20.14 7.56
N SER A 292 1.78 -20.29 8.52
CA SER A 292 0.36 -20.23 8.20
C SER A 292 -0.03 -18.88 7.62
N LEU A 293 0.61 -17.81 8.08
CA LEU A 293 0.28 -16.47 7.60
C LEU A 293 0.46 -16.36 6.09
N LYS A 294 1.36 -17.15 5.51
CA LYS A 294 1.56 -17.12 4.07
C LYS A 294 0.25 -17.40 3.33
N LYS A 295 -0.47 -18.45 3.72
CA LYS A 295 -1.71 -18.78 3.02
C LYS A 295 -2.84 -17.87 3.49
N ILE A 296 -2.81 -17.44 4.76
CA ILE A 296 -3.84 -16.51 5.23
C ILE A 296 -3.81 -15.22 4.42
N GLU A 297 -2.60 -14.67 4.22
CA GLU A 297 -2.49 -13.42 3.47
C GLU A 297 -2.80 -13.63 2.00
N GLU A 298 -2.43 -14.80 1.44
CA GLU A 298 -2.83 -15.15 0.09
C GLU A 298 -4.36 -15.20 -0.02
N LEU A 299 -5.01 -15.84 0.95
CA LEU A 299 -6.47 -15.87 0.92
C LEU A 299 -7.05 -14.47 1.06
N LYS A 300 -6.50 -13.66 1.97
CA LYS A 300 -7.00 -12.31 2.15
C LYS A 300 -6.82 -11.47 0.90
N ALA A 301 -5.70 -11.66 0.21
CA ALA A 301 -5.45 -10.92 -1.02
C ALA A 301 -6.51 -11.21 -2.06
N HIS A 302 -7.14 -12.39 -2.00
CA HIS A 302 -8.21 -12.76 -2.91
C HIS A 302 -9.59 -12.58 -2.28
N TRP A 303 -9.68 -11.83 -1.18
CA TRP A 303 -10.95 -11.49 -0.57
C TRP A 303 -11.72 -12.74 -0.12
N LYS A 304 -10.98 -13.75 0.31
CA LYS A 304 -11.56 -15.05 0.69
C LYS A 304 -11.80 -15.07 2.20
N TRP A 305 -12.78 -14.27 2.64
CA TRP A 305 -12.87 -13.94 4.05
C TRP A 305 -13.23 -15.16 4.91
N GLU A 306 -14.16 -16.00 4.45
CA GLU A 306 -14.56 -17.13 5.29
C GLU A 306 -13.37 -18.07 5.52
N GLN A 307 -12.54 -18.27 4.49
CA GLN A 307 -11.37 -19.13 4.66
C GLN A 307 -10.31 -18.42 5.50
N VAL A 308 -10.17 -17.10 5.33
CA VAL A 308 -9.26 -16.34 6.20
C VAL A 308 -9.67 -16.55 7.65
N LEU A 309 -10.96 -16.35 7.95
CA LEU A 309 -11.40 -16.44 9.34
C LEU A 309 -11.16 -17.82 9.91
N ALA A 310 -11.44 -18.86 9.12
CA ALA A 310 -11.27 -20.23 9.62
C ALA A 310 -9.82 -20.49 10.03
N MET A 311 -8.86 -20.09 9.19
CA MET A 311 -7.46 -20.30 9.52
C MET A 311 -7.05 -19.47 10.74
N CYS A 312 -7.59 -18.26 10.85
CA CYS A 312 -7.20 -17.40 11.97
C CYS A 312 -7.75 -17.94 13.29
N GLN A 313 -9.00 -18.42 13.29
CA GLN A 313 -9.56 -18.97 14.51
C GLN A 313 -8.77 -20.18 14.98
N ALA A 314 -8.33 -21.03 14.04
CA ALA A 314 -7.51 -22.17 14.41
C ALA A 314 -6.26 -21.75 15.17
N ILE A 315 -5.80 -20.52 14.95
CA ILE A 315 -4.61 -20.00 15.61
C ILE A 315 -4.96 -19.26 16.89
N ILE A 316 -5.90 -18.32 16.79
CA ILE A 316 -6.25 -17.48 17.95
C ILE A 316 -6.84 -18.34 19.06
N SER A 317 -7.66 -19.33 18.70
CA SER A 317 -8.31 -20.20 19.66
C SER A 317 -7.77 -21.63 19.58
N SER A 318 -6.47 -21.75 19.30
CA SER A 318 -5.86 -23.07 19.14
C SER A 318 -5.99 -23.87 20.43
N ASN A 319 -6.19 -25.19 20.28
CA ASN A 319 -6.12 -26.11 21.40
C ASN A 319 -4.70 -26.34 21.87
N SER A 320 -3.73 -25.77 21.18
CA SER A 320 -2.33 -25.88 21.54
C SER A 320 -1.83 -24.53 22.02
N GLU A 321 -0.52 -24.42 22.18
CA GLU A 321 0.04 -23.24 22.81
C GLU A 321 -0.18 -21.99 21.97
N ARG A 322 -0.36 -20.87 22.66
CA ARG A 322 -0.71 -19.61 22.03
C ARG A 322 0.37 -18.55 22.24
N LEU A 323 0.24 -17.45 21.51
CA LEU A 323 1.22 -16.37 21.48
C LEU A 323 0.66 -15.10 22.13
N PRO A 324 1.53 -14.25 22.65
CA PRO A 324 1.08 -12.92 23.08
C PRO A 324 0.68 -12.08 21.88
N ASP A 325 -0.27 -11.18 22.10
CA ASP A 325 -0.74 -10.34 21.02
C ASP A 325 0.31 -9.37 20.52
N ILE A 326 1.38 -9.11 21.30
CA ILE A 326 2.44 -8.25 20.80
CA ILE A 326 2.48 -8.26 20.83
C ILE A 326 3.40 -8.99 19.88
N ASN A 327 3.31 -10.31 19.79
CA ASN A 327 4.05 -11.05 18.77
C ASN A 327 3.51 -10.66 17.40
N ILE A 328 4.39 -10.21 16.50
CA ILE A 328 3.90 -9.57 15.28
C ILE A 328 3.11 -10.55 14.42
N TYR A 329 3.45 -11.84 14.48
CA TYR A 329 2.73 -12.82 13.68
C TYR A 329 1.33 -13.10 14.26
N GLN A 330 1.25 -13.26 15.58
CA GLN A 330 -0.05 -13.27 16.23
C GLN A 330 -0.83 -12.00 15.90
N LEU A 331 -0.15 -10.85 15.91
CA LEU A 331 -0.84 -9.58 15.65
C LEU A 331 -1.41 -9.54 14.25
N LYS A 332 -0.64 -10.00 13.27
CA LYS A 332 -1.13 -10.06 11.90
C LYS A 332 -2.35 -10.97 11.80
N VAL A 333 -2.34 -12.09 12.52
CA VAL A 333 -3.48 -13.00 12.50
C VAL A 333 -4.71 -12.33 13.10
N LEU A 334 -4.52 -11.61 14.22
CA LEU A 334 -5.65 -10.89 14.82
C LEU A 334 -6.23 -9.88 13.84
N ASP A 335 -5.36 -9.17 13.11
CA ASP A 335 -5.84 -8.17 12.17
C ASP A 335 -6.59 -8.79 11.00
N CYS A 336 -6.06 -9.86 10.42
CA CYS A 336 -6.77 -10.55 9.35
C CYS A 336 -8.12 -11.06 9.83
N ALA A 337 -8.16 -11.59 11.06
CA ALA A 337 -9.42 -12.10 11.60
C ALA A 337 -10.41 -10.95 11.80
N MET A 338 -9.93 -9.81 12.27
CA MET A 338 -10.79 -8.64 12.42
C MET A 338 -11.41 -8.26 11.09
N ASP A 339 -10.56 -8.08 10.06
CA ASP A 339 -11.08 -7.68 8.76
C ASP A 339 -12.03 -8.72 8.19
N ALA A 340 -11.72 -10.00 8.38
CA ALA A 340 -12.62 -11.05 7.93
C ALA A 340 -13.98 -10.92 8.62
N CYS A 341 -13.97 -10.72 9.93
CA CYS A 341 -15.23 -10.61 10.67
C CYS A 341 -16.02 -9.37 10.24
N ILE A 342 -15.33 -8.26 9.98
CA ILE A 342 -16.04 -7.06 9.54
C ILE A 342 -16.76 -7.33 8.22
N ASN A 343 -16.09 -8.00 7.28
CA ASN A 343 -16.69 -8.26 5.98
C ASN A 343 -17.74 -9.36 6.02
N LEU A 344 -17.72 -10.22 7.04
CA LEU A 344 -18.74 -11.25 7.21
C LEU A 344 -19.86 -10.82 8.14
N GLY A 345 -19.82 -9.60 8.65
CA GLY A 345 -20.87 -9.12 9.55
C GLY A 345 -20.80 -9.68 10.94
N LEU A 346 -19.64 -10.22 11.35
CA LEU A 346 -19.47 -10.75 12.70
C LEU A 346 -18.82 -9.66 13.55
N LEU A 347 -19.65 -8.70 13.98
CA LEU A 347 -19.12 -7.47 14.54
C LEU A 347 -18.66 -7.62 15.98
N GLU A 348 -19.32 -8.46 16.78
CA GLU A 348 -18.81 -8.72 18.13
C GLU A 348 -17.42 -9.34 18.06
N GLU A 349 -17.26 -10.37 17.23
CA GLU A 349 -15.97 -11.03 17.12
C GLU A 349 -14.92 -10.11 16.55
N ALA A 350 -15.30 -9.30 15.55
CA ALA A 350 -14.37 -8.32 14.99
C ALA A 350 -13.86 -7.38 16.06
N LEU A 351 -14.76 -6.91 16.94
CA LEU A 351 -14.35 -5.96 17.97
C LEU A 351 -13.43 -6.63 18.97
N PHE A 352 -13.69 -7.89 19.31
CA PHE A 352 -12.82 -8.63 20.21
C PHE A 352 -11.40 -8.66 19.68
N TYR A 353 -11.23 -9.08 18.42
CA TYR A 353 -9.91 -9.10 17.82
C TYR A 353 -9.35 -7.69 17.67
N GLY A 354 -10.18 -6.74 17.22
CA GLY A 354 -9.73 -5.38 17.05
C GLY A 354 -9.19 -4.77 18.32
N THR A 355 -9.95 -4.87 19.42
CA THR A 355 -9.48 -4.29 20.68
CA THR A 355 -9.48 -4.30 20.67
C THR A 355 -8.17 -4.93 21.11
N ARG A 356 -7.97 -6.21 20.81
CA ARG A 356 -6.72 -6.87 21.19
C ARG A 356 -5.53 -6.28 20.43
N THR A 357 -5.76 -5.75 19.22
CA THR A 357 -4.66 -5.19 18.46
C THR A 357 -4.27 -3.78 18.88
N MET A 358 -5.07 -3.12 19.72
CA MET A 358 -4.88 -1.70 19.97
C MET A 358 -3.54 -1.40 20.64
N GLU A 359 -3.24 -2.07 21.75
CA GLU A 359 -2.01 -1.73 22.45
C GLU A 359 -0.79 -2.14 21.61
N PRO A 360 -0.78 -3.32 21.01
CA PRO A 360 0.33 -3.63 20.09
C PRO A 360 0.48 -2.62 18.97
N TYR A 361 -0.61 -2.14 18.38
CA TYR A 361 -0.50 -1.13 17.33
C TYR A 361 0.07 0.17 17.89
N ARG A 362 -0.33 0.55 19.10
CA ARG A 362 0.25 1.74 19.71
C ARG A 362 1.76 1.63 19.80
N ILE A 363 2.26 0.43 20.12
CA ILE A 363 3.70 0.24 20.28
C ILE A 363 4.41 0.24 18.93
N PHE A 364 3.86 -0.48 17.95
CA PHE A 364 4.57 -0.75 16.71
C PHE A 364 4.31 0.27 15.61
N PHE A 365 3.33 1.15 15.77
CA PHE A 365 3.08 2.24 14.83
C PHE A 365 3.23 3.57 15.58
N PRO A 366 4.45 3.91 16.00
CA PRO A 366 4.63 5.11 16.83
C PRO A 366 4.32 6.37 16.05
N GLY A 367 4.05 7.44 16.79
CA GLY A 367 3.78 8.71 16.17
C GLY A 367 2.45 8.70 15.45
N SER A 368 2.45 9.26 14.24
CA SER A 368 1.26 9.33 13.38
C SER A 368 1.49 8.42 12.19
N HIS A 369 0.83 7.26 12.18
CA HIS A 369 0.92 6.31 11.09
C HIS A 369 -0.46 6.00 10.56
N PRO A 370 -0.70 6.10 9.24
CA PRO A 370 -2.06 5.91 8.72
C PRO A 370 -2.64 4.55 9.04
N VAL A 371 -1.80 3.52 9.14
CA VAL A 371 -2.31 2.18 9.43
C VAL A 371 -2.93 2.15 10.81
N ARG A 372 -2.26 2.74 11.80
CA ARG A 372 -2.84 2.78 13.14
C ARG A 372 -4.08 3.66 13.18
N GLY A 373 -4.04 4.80 12.49
CA GLY A 373 -5.21 5.66 12.46
C GLY A 373 -6.45 4.93 11.96
N VAL A 374 -6.27 4.17 10.88
CA VAL A 374 -7.40 3.45 10.30
C VAL A 374 -7.83 2.30 11.20
N GLN A 375 -6.86 1.59 11.78
CA GLN A 375 -7.21 0.51 12.71
C GLN A 375 -8.03 1.04 13.88
N VAL A 376 -7.63 2.19 14.42
CA VAL A 376 -8.37 2.76 15.55
C VAL A 376 -9.74 3.21 15.11
N MET A 377 -9.84 3.76 13.89
CA MET A 377 -11.14 4.16 13.37
C MET A 377 -12.06 2.96 13.20
N LYS A 378 -11.51 1.84 12.72
CA LYS A 378 -12.33 0.64 12.60
C LYS A 378 -12.86 0.23 13.97
N VAL A 379 -12.00 0.18 14.98
CA VAL A 379 -12.44 -0.21 16.31
C VAL A 379 -13.49 0.75 16.83
N GLY A 380 -13.24 2.05 16.68
CA GLY A 380 -14.23 3.03 17.13
C GLY A 380 -15.56 2.88 16.40
N LYS A 381 -15.52 2.54 15.12
CA LYS A 381 -16.76 2.37 14.36
C LYS A 381 -17.50 1.11 14.79
N LEU A 382 -16.76 0.03 15.09
CA LEU A 382 -17.41 -1.16 15.64
C LEU A 382 -18.08 -0.85 16.98
N GLN A 383 -17.41 -0.05 17.80
CA GLN A 383 -17.97 0.28 19.12
C GLN A 383 -19.19 1.17 18.99
N LEU A 384 -19.15 2.13 18.06
CA LEU A 384 -20.29 3.00 17.85
C LEU A 384 -21.53 2.19 17.43
N HIS A 385 -21.35 1.26 16.48
CA HIS A 385 -22.46 0.44 16.02
CA HIS A 385 -22.49 0.48 16.03
C HIS A 385 -23.03 -0.43 17.13
N GLN A 386 -22.21 -0.78 18.11
CA GLN A 386 -22.65 -1.60 19.23
C GLN A 386 -23.05 -0.76 20.44
N GLY A 387 -23.15 0.55 20.28
CA GLY A 387 -23.69 1.40 21.34
C GLY A 387 -22.74 1.68 22.48
N MET A 388 -21.44 1.44 22.28
CA MET A 388 -20.44 1.74 23.30
C MET A 388 -19.89 3.15 23.06
N PHE A 389 -20.75 4.13 23.35
CA PHE A 389 -20.47 5.49 22.88
C PHE A 389 -19.23 6.10 23.53
N PRO A 390 -19.07 6.04 24.86
CA PRO A 390 -17.85 6.64 25.43
C PRO A 390 -16.59 5.99 24.92
N GLN A 391 -16.60 4.66 24.73
CA GLN A 391 -15.43 3.98 24.19
C GLN A 391 -15.23 4.33 22.74
N ALA A 392 -16.32 4.36 21.96
CA ALA A 392 -16.21 4.72 20.56
C ALA A 392 -15.69 6.14 20.39
N MET A 393 -16.19 7.07 21.22
CA MET A 393 -15.76 8.46 21.10
C MET A 393 -14.26 8.59 21.36
N LYS A 394 -13.76 7.93 22.41
CA LYS A 394 -12.33 7.98 22.69
C LYS A 394 -11.52 7.50 21.48
N ASN A 395 -11.92 6.37 20.90
CA ASN A 395 -11.15 5.83 19.77
C ASN A 395 -11.35 6.66 18.51
N LEU A 396 -12.56 7.20 18.29
CA LEU A 396 -12.77 8.03 17.12
C LEU A 396 -11.98 9.33 17.20
N ARG A 397 -11.87 9.92 18.39
CA ARG A 397 -11.03 11.11 18.51
C ARG A 397 -9.55 10.76 18.38
N LEU A 398 -9.15 9.60 18.92
CA LEU A 398 -7.77 9.14 18.73
C LEU A 398 -7.47 8.97 17.26
N ALA A 399 -8.37 8.30 16.52
CA ALA A 399 -8.21 8.16 15.08
C ALA A 399 -8.12 9.52 14.40
N PHE A 400 -8.94 10.49 14.85
CA PHE A 400 -8.86 11.81 14.27
C PHE A 400 -7.54 12.51 14.61
N ASP A 401 -7.05 12.36 15.84
CA ASP A 401 -5.74 12.90 16.20
C ASP A 401 -4.68 12.41 15.23
N ILE A 402 -4.70 11.12 14.92
CA ILE A 402 -3.72 10.54 14.00
C ILE A 402 -3.99 10.96 12.57
N MET A 403 -5.22 10.77 12.11
CA MET A 403 -5.52 10.94 10.68
C MET A 403 -5.60 12.39 10.23
N ARG A 404 -5.82 13.34 11.13
CA ARG A 404 -5.68 14.74 10.71
C ARG A 404 -4.25 15.03 10.28
N VAL A 405 -3.30 14.21 10.71
CA VAL A 405 -1.92 14.34 10.27
C VAL A 405 -1.63 13.45 9.06
N THR A 406 -2.07 12.19 9.10
CA THR A 406 -1.69 11.22 8.09
C THR A 406 -2.58 11.28 6.86
N HIS A 407 -3.82 11.74 7.00
CA HIS A 407 -4.77 11.81 5.90
C HIS A 407 -5.10 13.23 5.50
N GLY A 408 -5.53 14.07 6.43
CA GLY A 408 -5.77 15.47 6.15
C GLY A 408 -7.11 15.73 5.48
N ARG A 409 -7.43 17.03 5.33
CA ARG A 409 -8.71 17.39 4.75
C ARG A 409 -8.85 16.94 3.30
N GLU A 410 -7.73 16.73 2.61
CA GLU A 410 -7.78 16.34 1.21
C GLU A 410 -8.15 14.87 1.02
N HIS A 411 -8.27 14.10 2.09
CA HIS A 411 -8.63 12.69 2.01
C HIS A 411 -10.08 12.52 2.41
N SER A 412 -10.84 11.79 1.59
CA SER A 412 -12.28 11.66 1.81
C SER A 412 -12.62 10.95 3.12
N LEU A 413 -11.69 10.15 3.66
CA LEU A 413 -11.98 9.41 4.88
C LEU A 413 -12.09 10.34 6.08
N ILE A 414 -11.41 11.48 6.05
CA ILE A 414 -11.54 12.45 7.15
C ILE A 414 -12.97 12.98 7.22
N GLU A 415 -13.59 13.21 6.07
CA GLU A 415 -15.00 13.61 6.07
C GLU A 415 -15.86 12.55 6.73
N ASP A 416 -15.63 11.28 6.40
CA ASP A 416 -16.39 10.19 7.02
C ASP A 416 -16.14 10.14 8.53
N LEU A 417 -14.88 10.28 8.96
CA LEU A 417 -14.57 10.24 10.38
C LEU A 417 -15.26 11.38 11.12
N ILE A 418 -15.27 12.58 10.53
CA ILE A 418 -15.93 13.72 11.16
C ILE A 418 -17.40 13.41 11.40
N LEU A 419 -18.03 12.73 10.44
CA LEU A 419 -19.45 12.41 10.58
C LEU A 419 -19.66 11.39 11.71
N LEU A 420 -18.75 10.44 11.85
CA LEU A 420 -18.82 9.49 12.95
C LEU A 420 -18.64 10.18 14.29
N LEU A 421 -17.73 11.15 14.35
CA LEU A 421 -17.53 11.91 15.58
C LEU A 421 -18.79 12.66 15.96
N GLU A 422 -19.41 13.32 14.97
CA GLU A 422 -20.61 14.10 15.24
C GLU A 422 -21.77 13.21 15.64
N GLU A 423 -21.88 12.03 15.02
CA GLU A 423 -22.92 11.08 15.41
C GLU A 423 -22.69 10.55 16.82
N CYS A 424 -21.45 10.15 17.12
CA CYS A 424 -21.14 9.61 18.44
C CYS A 424 -21.34 10.67 19.52
N ASP A 425 -20.89 11.91 19.24
CA ASP A 425 -21.10 12.98 20.20
C ASP A 425 -22.57 13.22 20.46
N ALA A 426 -23.38 13.26 19.40
CA ALA A 426 -24.83 13.48 19.58
C ALA A 426 -25.43 12.41 20.48
N ASN A 427 -24.94 11.17 20.37
CA ASN A 427 -25.43 10.11 21.24
C ASN A 427 -25.02 10.34 22.68
N ILE A 428 -23.77 10.77 22.89
CA ILE A 428 -23.28 11.03 24.25
C ILE A 428 -24.04 12.20 24.87
N ARG A 429 -24.31 13.24 24.07
CA ARG A 429 -25.00 14.40 24.61
C ARG A 429 -26.44 14.08 25.00
N ALA A 430 -27.09 13.17 24.27
CA ALA A 430 -28.47 12.82 24.55
C ALA A 430 -28.52 12.00 25.84
N SER A 431 -28.78 12.68 26.96
CA SER A 431 -28.82 12.03 28.26
C SER A 431 -29.18 13.03 29.36
N SAM B . 17.49 7.34 -4.40
CA SAM B . 16.48 7.08 -5.42
C SAM B . 16.85 7.77 -6.74
O SAM B . 16.05 7.77 -7.68
OXT SAM B . 17.94 8.33 -6.90
CB SAM B . 15.10 7.54 -4.94
CG SAM B . 14.38 6.49 -4.11
SD SAM B . 13.90 5.08 -5.14
CE SAM B . 12.13 4.92 -4.75
C5' SAM B . 14.49 3.68 -4.15
C4' SAM B . 15.98 3.45 -4.30
O4' SAM B . 16.73 4.49 -3.64
C3' SAM B . 16.45 2.11 -3.69
O3' SAM B . 16.39 1.06 -4.58
C2' SAM B . 17.89 2.45 -3.28
O2' SAM B . 18.73 2.29 -4.39
C1' SAM B . 17.81 3.92 -2.89
N9 SAM B . 17.53 4.11 -1.47
C8 SAM B . 16.29 4.39 -0.92
N7 SAM B . 16.43 4.49 0.42
C5 SAM B . 17.73 4.28 0.74
C6 SAM B . 18.41 4.28 1.95
N6 SAM B . 17.78 4.52 3.10
N1 SAM B . 19.76 4.04 1.96
C2 SAM B . 20.43 3.80 0.78
N3 SAM B . 19.76 3.80 -0.41
C4 SAM B . 18.42 4.05 -0.45
HN1 SAM B . 18.07 7.94 -4.63
HA SAM B . 16.42 6.12 -5.58
HB1 SAM B . 14.49 7.80 -5.81
HB2 SAM B . 15.22 8.45 -4.34
HG1 SAM B . 13.49 6.92 -3.66
HG2 SAM B . 15.02 6.14 -3.31
HE1 SAM B . 11.80 3.91 -4.97
HE2 SAM B . 11.56 5.63 -5.36
HE3 SAM B . 11.97 5.14 -3.69
H4' SAM B . 16.16 3.46 -5.37
H3' SAM B . 15.82 1.76 -2.88
HO3' SAM B . 17.14 0.45 -4.41
H2' SAM B . 18.28 1.82 -2.47
HO2' SAM B . 18.89 3.16 -4.80
H1' SAM B . 18.78 4.38 -3.12
H8 SAM B . 15.36 4.50 -1.48
HN61 SAM B . 16.78 4.70 3.10
HN62 SAM B . 18.30 4.51 3.97
H2 SAM B . 21.50 3.60 0.79
ZN ZN C . 16.42 0.70 8.89
ZN ZN D . -15.20 2.73 -10.19
ZN ZN E . -11.15 -4.23 -22.23
C3 E45 F . -3.77 7.30 -23.85
C4 E45 F . -2.67 6.29 -22.27
C1 E45 F . -4.79 7.32 -24.94
C2 E45 F . -5.50 8.67 -24.92
N E45 F . -3.20 8.39 -23.39
C E45 F . -4.17 7.07 -26.31
N1 E45 F . -2.22 5.32 -21.46
N2 E45 F . -3.50 6.09 -23.27
S E45 F . -2.25 7.96 -22.09
H3 E45 F . -5.49 6.50 -24.74
H6 E45 F . -5.02 9.37 -24.24
H4 E45 F . -6.54 8.58 -24.61
H5 E45 F . -5.50 9.14 -25.91
H1 E45 F . -3.69 7.95 -26.71
H2 E45 F . -4.90 6.74 -27.04
H E45 F . -3.40 6.30 -26.27
H8 E45 F . -2.49 4.35 -21.61
H7 E45 F . -1.59 5.52 -20.69
#